data_4D72
#
_entry.id   4D72
#
_cell.length_a   92.250
_cell.length_b   154.420
_cell.length_c   97.080
_cell.angle_alpha   90.00
_cell.angle_beta   90.00
_cell.angle_gamma   90.00
#
_symmetry.space_group_name_H-M   'C 2 2 21'
#
loop_
_entity.id
_entity.type
_entity.pdbx_description
1 polymer 'GLYCOSIDE HYDROLASE'
2 branched alpha-L-fucopyranose-(1-2)-beta-D-galactopyranose-(1-4)-2-acetamido-2-deoxy-beta-D-glucopyranose
3 non-polymer 2-acetamido-2-deoxy-alpha-D-galactopyranose
4 non-polymer 1,2-ETHANEDIOL
5 water water
#
_entity_poly.entity_id   1
_entity_poly.type   'polypeptide(L)'
_entity_poly.pdbx_seq_one_letter_code
;EVDKRREINNEHPLLMMPLYANGEEFNQGKYTFWGGDTLTGKWENIPDDLKPYTVIQLHPDDLPKRDGAARDFYEHMLEE
AAKYVNPKTGKNEPIPVILTVYTAGNMPYHTSAHWLSTSWIDKMYQKYPNLHGIFSTASYWIWANDIENKAADYLKVSAK
NGGYFIWAEQNSGSAIEKAFGKNGKIAFQKSVDKYWKNLIFMFKNTPAAEGNDSTTESYMKGLWLSNHTYQWGGLMDTWK
WYETGKWKLFASGNIGKSQGDRQWLTEPESMLGEEALGVYLNGGVVYNFEHPAYTYGVNNKESLLFSEVIKEFFRYVIAH
PAPSKEKVLEDTKVFIHGDYSNKGNGKFFVNVNTDREQTPLYMTGRYNVIPAIPGVLKTDKLKESVSSSRIQIKEITSPE
FSSTQARKEYLNKLYPMNYEGDIFAQKLDNRWFVYNYKVNENVKQTGKLKFNSLEMNVEFEPHTYGIFERISNGLKVNLN
NFRTNKDSLWSNAQDANQAKKLPQLTKKGAIKWIEEHYIKDTQFGEKRVTKIVLRGIDKLPTIHSLSGTNNSYDQPSLNF
DQKNHMVTITINSNGNLEFELHFLEHPPPPPLRSGC
;
_entity_poly.pdbx_strand_id   A
#
loop_
_chem_comp.id
_chem_comp.type
_chem_comp.name
_chem_comp.formula
A2G D-saccharide, alpha linking 2-acetamido-2-deoxy-alpha-D-galactopyranose 'C8 H15 N O6'
EDO non-polymer 1,2-ETHANEDIOL 'C2 H6 O2'
FUC L-saccharide, alpha linking alpha-L-fucopyranose 'C6 H12 O5'
GAL D-saccharide, beta linking beta-D-galactopyranose 'C6 H12 O6'
NAG D-saccharide, beta linking 2-acetamido-2-deoxy-beta-D-glucopyranose 'C8 H15 N O6'
#
# COMPACT_ATOMS: atom_id res chain seq x y z
N GLU A 1 -22.47 -10.32 -18.83
CA GLU A 1 -21.52 -10.42 -17.68
C GLU A 1 -21.86 -11.62 -16.78
N VAL A 2 -20.82 -12.36 -16.38
CA VAL A 2 -20.94 -13.49 -15.46
C VAL A 2 -20.84 -12.96 -14.02
N ASP A 3 -21.54 -13.60 -13.09
CA ASP A 3 -21.46 -13.26 -11.68
C ASP A 3 -20.01 -13.22 -11.18
N LYS A 4 -19.62 -12.10 -10.59
CA LYS A 4 -18.28 -11.99 -9.97
C LYS A 4 -18.08 -13.04 -8.88
N ARG A 5 -16.88 -13.62 -8.79
CA ARG A 5 -16.62 -14.64 -7.77
C ARG A 5 -16.51 -14.05 -6.36
N ARG A 6 -16.23 -12.75 -6.30
CA ARG A 6 -16.14 -12.04 -5.03
C ARG A 6 -16.39 -10.55 -5.31
N GLU A 7 -16.69 -9.80 -4.26
CA GLU A 7 -16.79 -8.35 -4.39
C GLU A 7 -15.47 -7.74 -3.94
N ILE A 8 -15.05 -6.66 -4.63
CA ILE A 8 -13.88 -5.88 -4.26
C ILE A 8 -14.27 -4.41 -4.39
N ASN A 9 -14.45 -3.73 -3.26
CA ASN A 9 -14.80 -2.31 -3.25
C ASN A 9 -14.56 -1.71 -1.87
N ASN A 10 -14.96 -0.44 -1.66
CA ASN A 10 -14.69 0.21 -0.38
C ASN A 10 -15.20 -0.58 0.85
N GLU A 11 -16.36 -1.20 0.69
CA GLU A 11 -16.99 -1.96 1.77
C GLU A 11 -16.47 -3.38 1.81
N HIS A 12 -15.99 -3.86 0.67
CA HIS A 12 -15.31 -5.17 0.59
C HIS A 12 -13.87 -5.01 0.11
N PRO A 13 -12.98 -4.45 0.95
CA PRO A 13 -11.58 -4.27 0.49
C PRO A 13 -10.86 -5.61 0.38
N LEU A 14 -9.64 -5.61 -0.16
CA LEU A 14 -8.91 -6.84 -0.36
C LEU A 14 -7.47 -6.71 0.13
N LEU A 15 -7.06 -7.63 1.01
CA LEU A 15 -5.65 -7.78 1.39
C LEU A 15 -5.13 -9.08 0.77
N MET A 16 -4.24 -8.93 -0.21
CA MET A 16 -3.55 -10.07 -0.81
C MET A 16 -2.53 -10.61 0.18
N MET A 17 -2.50 -11.93 0.32
CA MET A 17 -1.63 -12.61 1.28
C MET A 17 -0.66 -13.49 0.51
N PRO A 18 0.53 -12.94 0.17
CA PRO A 18 1.44 -13.63 -0.75
C PRO A 18 2.11 -14.87 -0.15
N LEU A 19 2.22 -15.92 -0.97
CA LEU A 19 2.99 -17.11 -0.63
C LEU A 19 3.90 -17.46 -1.81
N TYR A 20 5.21 -17.44 -1.58
CA TYR A 20 6.22 -17.55 -2.64
C TYR A 20 6.81 -18.94 -2.66
N ALA A 21 6.64 -19.63 -3.80
CA ALA A 21 7.12 -20.99 -4.01
C ALA A 21 8.62 -21.13 -3.78
N ASN A 22 9.00 -22.12 -2.98
CA ASN A 22 10.42 -22.46 -2.79
C ASN A 22 10.88 -23.45 -3.88
N GLY A 23 11.58 -22.94 -4.88
CA GLY A 23 12.02 -23.75 -6.03
C GLY A 23 13.10 -24.77 -5.70
N GLU A 24 13.94 -24.45 -4.72
CA GLU A 24 15.00 -25.37 -4.30
C GLU A 24 14.41 -26.63 -3.70
N GLU A 25 13.37 -26.44 -2.89
CA GLU A 25 12.71 -27.57 -2.25
C GLU A 25 11.82 -28.30 -3.24
N PHE A 26 11.26 -27.56 -4.18
CA PHE A 26 10.52 -28.20 -5.27
C PHE A 26 11.39 -29.21 -6.02
N ASN A 27 12.63 -28.81 -6.33
CA ASN A 27 13.63 -29.70 -6.89
C ASN A 27 13.90 -30.96 -6.05
N GLN A 28 13.67 -30.85 -4.74
CA GLN A 28 13.86 -31.97 -3.82
C GLN A 28 12.57 -32.76 -3.60
N GLY A 29 11.54 -32.45 -4.39
CA GLY A 29 10.26 -33.16 -4.36
C GLY A 29 9.26 -32.62 -3.35
N LYS A 30 9.53 -31.45 -2.77
CA LYS A 30 8.69 -30.87 -1.73
C LYS A 30 7.88 -29.66 -2.23
N TYR A 31 6.69 -29.46 -1.66
CA TYR A 31 5.84 -28.33 -2.01
C TYR A 31 5.76 -27.35 -0.85
N THR A 32 6.66 -26.36 -0.86
CA THR A 32 6.80 -25.46 0.28
C THR A 32 6.98 -23.99 -0.15
N PHE A 33 6.86 -23.08 0.82
CA PHE A 33 7.05 -21.64 0.60
C PHE A 33 8.25 -21.06 1.33
N TRP A 34 8.95 -20.14 0.69
CA TRP A 34 10.02 -19.39 1.34
C TRP A 34 9.46 -18.69 2.57
N GLY A 35 10.15 -18.81 3.69
CA GLY A 35 9.67 -18.28 4.96
C GLY A 35 8.89 -19.28 5.81
N GLY A 36 8.59 -20.45 5.24
CA GLY A 36 8.02 -21.54 6.03
C GLY A 36 6.51 -21.54 6.27
N ASP A 37 5.79 -20.53 5.79
CA ASP A 37 4.32 -20.56 5.82
C ASP A 37 3.86 -21.78 5.05
N THR A 38 2.69 -22.31 5.44
CA THR A 38 1.98 -23.30 4.63
C THR A 38 0.63 -22.70 4.23
N LEU A 39 0.06 -23.19 3.13
CA LEU A 39 -1.21 -22.64 2.63
C LEU A 39 -2.31 -22.74 3.72
N THR A 40 -2.51 -23.96 4.22
CA THR A 40 -3.50 -24.26 5.25
C THR A 40 -3.16 -23.57 6.57
N GLY A 41 -1.90 -23.68 7.00
CA GLY A 41 -1.48 -23.05 8.24
C GLY A 41 -1.72 -21.55 8.22
N LYS A 42 -1.31 -20.90 7.14
CA LYS A 42 -1.46 -19.45 7.05
C LYS A 42 -2.92 -19.02 7.04
N TRP A 43 -3.74 -19.68 6.23
CA TRP A 43 -5.15 -19.34 6.16
C TRP A 43 -5.82 -19.46 7.54
N GLU A 44 -5.63 -20.59 8.23
CA GLU A 44 -6.17 -20.78 9.59
C GLU A 44 -5.79 -19.67 10.55
N ASN A 45 -4.55 -19.20 10.47
N ASN A 45 -4.55 -19.19 10.45
CA ASN A 45 -4.03 -18.14 11.33
CA ASN A 45 -4.06 -18.14 11.34
C ASN A 45 -4.67 -16.77 11.05
C ASN A 45 -4.42 -16.71 10.92
N ILE A 46 -5.18 -16.58 9.84
CA ILE A 46 -5.79 -15.29 9.47
C ILE A 46 -7.00 -15.09 10.38
N PRO A 47 -7.01 -13.97 11.13
CA PRO A 47 -8.12 -13.71 12.05
C PRO A 47 -9.46 -13.84 11.33
N ASP A 48 -10.42 -14.48 12.00
CA ASP A 48 -11.75 -14.74 11.43
C ASP A 48 -12.46 -13.49 10.88
N ASP A 49 -12.25 -12.33 11.51
CA ASP A 49 -12.89 -11.11 11.00
C ASP A 49 -12.27 -10.65 9.65
N LEU A 50 -11.02 -11.06 9.39
CA LEU A 50 -10.30 -10.67 8.18
C LEU A 50 -10.49 -11.65 7.01
N LYS A 51 -10.84 -12.90 7.32
CA LYS A 51 -10.99 -13.95 6.30
C LYS A 51 -11.84 -13.57 5.10
N PRO A 52 -13.00 -12.89 5.30
CA PRO A 52 -13.79 -12.49 4.12
C PRO A 52 -13.13 -11.42 3.23
N TYR A 53 -11.99 -10.88 3.68
CA TYR A 53 -11.38 -9.76 2.98
C TYR A 53 -9.95 -10.06 2.53
N THR A 54 -9.49 -11.30 2.73
CA THR A 54 -8.13 -11.66 2.39
C THR A 54 -8.14 -12.83 1.41
N VAL A 55 -7.15 -12.85 0.52
CA VAL A 55 -7.04 -13.92 -0.45
C VAL A 55 -5.57 -14.31 -0.51
N ILE A 56 -5.33 -15.61 -0.64
CA ILE A 56 -3.97 -16.15 -0.72
C ILE A 56 -3.48 -15.91 -2.15
N GLN A 57 -2.34 -15.24 -2.30
CA GLN A 57 -1.78 -14.97 -3.61
C GLN A 57 -0.55 -15.85 -3.75
N LEU A 58 -0.66 -16.89 -4.56
CA LEU A 58 0.47 -17.78 -4.83
C LEU A 58 1.39 -17.13 -5.87
N HIS A 59 2.70 -17.27 -5.66
CA HIS A 59 3.71 -16.66 -6.54
C HIS A 59 4.71 -17.75 -6.80
N PRO A 60 5.18 -17.90 -8.07
CA PRO A 60 6.03 -19.04 -8.38
C PRO A 60 7.51 -18.82 -8.14
N ASP A 61 7.87 -17.62 -7.65
CA ASP A 61 9.23 -17.24 -7.25
C ASP A 61 10.33 -17.93 -8.07
N ASP A 62 11.12 -18.81 -7.45
CA ASP A 62 12.24 -19.45 -8.14
C ASP A 62 12.02 -20.92 -8.52
N LEU A 63 10.78 -21.30 -8.79
CA LEU A 63 10.49 -22.59 -9.42
C LEU A 63 11.29 -22.71 -10.72
N PRO A 64 11.67 -23.95 -11.08
CA PRO A 64 12.47 -24.22 -12.28
C PRO A 64 11.91 -23.55 -13.52
N LYS A 65 12.78 -23.00 -14.36
CA LYS A 65 12.35 -22.34 -15.59
C LYS A 65 12.19 -23.33 -16.75
N ARG A 66 11.17 -24.17 -16.67
CA ARG A 66 10.85 -25.15 -17.70
C ARG A 66 9.37 -25.48 -17.59
N ASP A 67 8.83 -26.09 -18.65
CA ASP A 67 7.40 -26.38 -18.72
C ASP A 67 6.97 -27.34 -17.62
N GLY A 68 5.77 -27.14 -17.08
CA GLY A 68 5.23 -28.07 -16.11
C GLY A 68 5.46 -27.72 -14.65
N ALA A 69 6.57 -27.04 -14.33
CA ALA A 69 6.91 -26.79 -12.94
C ALA A 69 5.83 -25.95 -12.23
N ALA A 70 5.51 -24.79 -12.79
CA ALA A 70 4.49 -23.91 -12.22
C ALA A 70 3.09 -24.55 -12.23
N ARG A 71 2.72 -25.23 -13.32
CA ARG A 71 1.45 -25.97 -13.34
C ARG A 71 1.39 -27.00 -12.20
N ASP A 72 2.47 -27.76 -12.03
CA ASP A 72 2.52 -28.82 -11.03
C ASP A 72 2.39 -28.23 -9.61
N PHE A 73 3.21 -27.23 -9.30
CA PHE A 73 3.14 -26.55 -7.99
C PHE A 73 1.76 -25.92 -7.75
N TYR A 74 1.27 -25.17 -8.72
CA TYR A 74 -0.02 -24.52 -8.59
C TYR A 74 -1.22 -25.47 -8.41
N GLU A 75 -1.26 -26.52 -9.23
CA GLU A 75 -2.30 -27.55 -9.12
C GLU A 75 -2.30 -28.22 -7.73
N HIS A 76 -1.11 -28.60 -7.24
CA HIS A 76 -0.95 -29.09 -5.86
C HIS A 76 -1.60 -28.16 -4.82
N MET A 77 -1.28 -26.85 -4.90
CA MET A 77 -1.79 -25.88 -3.92
C MET A 77 -3.27 -25.57 -4.11
N LEU A 78 -3.75 -25.55 -5.35
CA LEU A 78 -5.17 -25.40 -5.62
C LEU A 78 -5.98 -26.55 -5.04
N GLU A 79 -5.46 -27.77 -5.17
CA GLU A 79 -6.05 -28.94 -4.54
C GLU A 79 -6.12 -28.77 -3.02
N GLU A 80 -4.99 -28.40 -2.40
CA GLU A 80 -4.99 -28.12 -0.95
C GLU A 80 -6.02 -27.04 -0.55
N ALA A 81 -6.03 -25.93 -1.28
CA ALA A 81 -7.00 -24.86 -1.06
C ALA A 81 -8.44 -25.37 -1.17
N ALA A 82 -8.75 -26.09 -2.25
CA ALA A 82 -10.10 -26.57 -2.50
C ALA A 82 -10.63 -27.52 -1.44
N LYS A 83 -9.73 -28.34 -0.87
CA LYS A 83 -10.13 -29.42 0.03
C LYS A 83 -10.12 -29.04 1.52
N TYR A 84 -9.73 -27.80 1.79
CA TYR A 84 -9.61 -27.32 3.18
C TYR A 84 -10.86 -27.53 4.01
N VAL A 85 -10.66 -28.05 5.22
CA VAL A 85 -11.73 -28.32 6.18
C VAL A 85 -11.51 -27.44 7.42
N ASN A 86 -12.45 -26.56 7.72
CA ASN A 86 -12.39 -25.73 8.93
C ASN A 86 -12.44 -26.62 10.18
N PRO A 87 -11.36 -26.67 10.97
CA PRO A 87 -11.30 -27.64 12.07
C PRO A 87 -12.36 -27.36 13.15
N LYS A 88 -12.73 -26.09 13.30
CA LYS A 88 -13.70 -25.66 14.30
C LYS A 88 -15.12 -26.14 13.98
N THR A 89 -15.49 -26.19 12.70
CA THR A 89 -16.84 -26.55 12.29
C THR A 89 -16.92 -27.89 11.56
N GLY A 90 -15.79 -28.39 11.08
CA GLY A 90 -15.74 -29.65 10.36
C GLY A 90 -16.19 -29.57 8.90
N LYS A 91 -16.63 -28.39 8.46
CA LYS A 91 -17.14 -28.20 7.10
C LYS A 91 -16.03 -27.86 6.07
N ASN A 92 -16.17 -28.38 4.85
CA ASN A 92 -15.26 -28.06 3.75
C ASN A 92 -15.41 -26.60 3.31
N GLU A 93 -14.39 -25.79 3.54
CA GLU A 93 -14.44 -24.35 3.22
C GLU A 93 -13.26 -23.92 2.34
N PRO A 94 -13.44 -24.04 1.01
CA PRO A 94 -12.36 -23.80 0.06
C PRO A 94 -11.71 -22.42 0.22
N ILE A 95 -10.39 -22.42 0.32
CA ILE A 95 -9.61 -21.21 0.53
C ILE A 95 -9.52 -20.37 -0.76
N PRO A 96 -9.86 -19.08 -0.67
CA PRO A 96 -9.82 -18.26 -1.88
C PRO A 96 -8.38 -17.99 -2.32
N VAL A 97 -8.11 -18.14 -3.63
CA VAL A 97 -6.77 -18.07 -4.15
C VAL A 97 -6.66 -17.11 -5.33
N ILE A 98 -5.53 -16.44 -5.44
CA ILE A 98 -5.17 -15.73 -6.64
C ILE A 98 -3.85 -16.32 -7.11
N LEU A 99 -3.73 -16.61 -8.41
CA LEU A 99 -2.48 -17.10 -8.99
C LEU A 99 -1.67 -16.01 -9.67
N THR A 100 -0.37 -15.96 -9.40
CA THR A 100 0.51 -15.06 -10.12
C THR A 100 0.83 -15.75 -11.45
N VAL A 101 0.37 -15.14 -12.54
CA VAL A 101 0.46 -15.77 -13.87
C VAL A 101 1.43 -15.08 -14.83
N TYR A 102 1.81 -13.84 -14.49
CA TYR A 102 2.69 -13.04 -15.33
C TYR A 102 3.59 -12.14 -14.49
N THR A 103 4.89 -12.20 -14.77
CA THR A 103 5.87 -11.36 -14.10
C THR A 103 7.18 -11.36 -14.89
N ALA A 104 7.98 -10.30 -14.75
CA ALA A 104 9.23 -10.16 -15.49
C ALA A 104 9.05 -10.47 -16.99
N GLY A 105 8.00 -9.90 -17.58
CA GLY A 105 7.64 -10.09 -19.00
C GLY A 105 7.41 -11.54 -19.40
N ASN A 106 7.23 -12.41 -18.41
CA ASN A 106 7.15 -13.87 -18.61
C ASN A 106 8.27 -14.42 -19.49
N MET A 107 9.45 -13.84 -19.36
CA MET A 107 10.62 -14.30 -20.10
C MET A 107 11.03 -15.69 -19.60
N PRO A 108 11.32 -16.62 -20.53
CA PRO A 108 11.69 -17.98 -20.10
C PRO A 108 12.99 -18.04 -19.28
N TYR A 109 13.78 -16.97 -19.32
CA TYR A 109 14.98 -16.88 -18.51
C TYR A 109 14.74 -16.14 -17.18
N HIS A 110 13.50 -15.69 -16.96
CA HIS A 110 13.15 -15.00 -15.71
C HIS A 110 12.19 -15.72 -14.79
N THR A 111 11.24 -16.46 -15.37
CA THR A 111 10.17 -17.01 -14.55
C THR A 111 9.53 -18.28 -15.09
N SER A 112 9.17 -19.18 -14.17
CA SER A 112 8.44 -20.40 -14.50
C SER A 112 7.04 -20.08 -14.99
N ALA A 113 6.57 -18.87 -14.70
CA ALA A 113 5.24 -18.39 -15.11
C ALA A 113 5.10 -18.37 -16.63
N HIS A 114 6.21 -18.32 -17.37
CA HIS A 114 6.16 -18.38 -18.83
C HIS A 114 5.29 -19.54 -19.31
N TRP A 115 5.42 -20.71 -18.65
CA TRP A 115 4.75 -21.94 -19.11
C TRP A 115 3.40 -22.17 -18.45
N LEU A 116 2.59 -21.11 -18.43
CA LEU A 116 1.22 -21.13 -17.94
C LEU A 116 0.34 -20.51 -19.02
N SER A 117 -0.30 -21.36 -19.81
CA SER A 117 -1.14 -20.90 -20.92
C SER A 117 -2.49 -20.36 -20.46
N THR A 118 -3.11 -19.56 -21.33
CA THR A 118 -4.45 -19.05 -21.11
C THR A 118 -5.48 -20.21 -21.01
N SER A 119 -5.28 -21.19 -21.87
CA SER A 119 -6.10 -22.39 -21.86
C SER A 119 -6.02 -23.10 -20.48
N TRP A 120 -4.81 -23.18 -19.90
CA TRP A 120 -4.66 -23.79 -18.56
C TRP A 120 -5.33 -22.94 -17.49
N ILE A 121 -5.19 -21.62 -17.60
CA ILE A 121 -5.84 -20.70 -16.67
C ILE A 121 -7.37 -20.87 -16.69
N ASP A 122 -7.95 -20.90 -17.89
CA ASP A 122 -9.38 -21.14 -18.08
C ASP A 122 -9.79 -22.45 -17.42
N LYS A 123 -9.00 -23.49 -17.65
CA LYS A 123 -9.25 -24.80 -17.05
C LYS A 123 -9.28 -24.72 -15.52
N MET A 124 -8.34 -23.98 -14.92
CA MET A 124 -8.30 -23.82 -13.45
C MET A 124 -9.51 -23.02 -12.91
N TYR A 125 -9.86 -21.94 -13.59
CA TYR A 125 -11.05 -21.16 -13.25
C TYR A 125 -12.29 -22.07 -13.23
N GLN A 126 -12.46 -22.90 -14.26
CA GLN A 126 -13.61 -23.81 -14.30
C GLN A 126 -13.53 -24.93 -13.27
N LYS A 127 -12.33 -25.42 -12.95
CA LYS A 127 -12.19 -26.48 -11.96
C LYS A 127 -12.27 -25.98 -10.50
N TYR A 128 -11.86 -24.74 -10.25
CA TYR A 128 -11.77 -24.23 -8.89
C TYR A 128 -12.64 -22.99 -8.68
N PRO A 129 -13.80 -23.14 -8.03
CA PRO A 129 -14.62 -21.96 -7.76
C PRO A 129 -13.89 -20.99 -6.82
N ASN A 130 -12.98 -21.51 -6.01
CA ASN A 130 -12.20 -20.70 -5.08
C ASN A 130 -11.05 -19.91 -5.71
N LEU A 131 -10.83 -20.09 -7.01
CA LEU A 131 -9.86 -19.25 -7.71
C LEU A 131 -10.56 -17.98 -8.11
N HIS A 132 -10.27 -16.89 -7.37
CA HIS A 132 -10.97 -15.63 -7.53
C HIS A 132 -10.36 -14.68 -8.55
N GLY A 133 -9.11 -14.91 -8.93
CA GLY A 133 -8.44 -14.03 -9.84
C GLY A 133 -7.02 -14.45 -10.18
N ILE A 134 -6.40 -13.67 -11.07
CA ILE A 134 -5.02 -13.89 -11.53
C ILE A 134 -4.25 -12.58 -11.51
N PHE A 135 -2.93 -12.68 -11.33
CA PHE A 135 -2.11 -11.55 -10.95
C PHE A 135 -0.92 -11.41 -11.90
N SER A 136 -0.72 -10.21 -12.41
CA SER A 136 0.44 -9.83 -13.17
C SER A 136 1.19 -8.78 -12.36
N THR A 137 2.52 -8.90 -12.28
CA THR A 137 3.31 -7.99 -11.42
C THR A 137 4.72 -7.74 -11.94
N ALA A 138 5.11 -6.48 -11.98
CA ALA A 138 6.50 -6.09 -12.19
C ALA A 138 7.14 -6.54 -13.51
N SER A 139 6.61 -6.02 -14.60
CA SER A 139 7.26 -6.14 -15.91
C SER A 139 7.71 -4.79 -16.45
N TYR A 140 7.62 -3.74 -15.63
CA TYR A 140 8.03 -2.38 -16.05
C TYR A 140 9.48 -2.34 -16.53
N TRP A 141 10.32 -3.19 -15.94
CA TRP A 141 11.75 -3.24 -16.26
C TRP A 141 12.07 -4.22 -17.40
N ILE A 142 11.04 -4.91 -17.91
CA ILE A 142 11.22 -5.84 -19.03
C ILE A 142 9.90 -5.93 -19.79
N TRP A 143 9.61 -4.87 -20.53
CA TRP A 143 8.34 -4.68 -21.19
C TRP A 143 8.28 -5.54 -22.46
N ALA A 144 7.97 -6.82 -22.27
CA ALA A 144 7.93 -7.80 -23.36
C ALA A 144 7.11 -7.34 -24.57
N ASN A 145 7.54 -7.78 -25.75
CA ASN A 145 6.86 -7.50 -27.04
C ASN A 145 5.34 -7.62 -27.07
N ASP A 146 4.81 -8.63 -26.39
CA ASP A 146 3.39 -8.93 -26.49
C ASP A 146 2.68 -8.75 -25.14
N ILE A 147 3.28 -7.99 -24.23
CA ILE A 147 2.73 -7.84 -22.88
C ILE A 147 1.26 -7.34 -22.90
N GLU A 148 0.97 -6.36 -23.76
CA GLU A 148 -0.41 -5.85 -23.92
C GLU A 148 -1.36 -6.91 -24.47
N ASN A 149 -0.95 -7.63 -25.51
CA ASN A 149 -1.76 -8.71 -26.08
C ASN A 149 -2.06 -9.78 -25.02
N LYS A 150 -1.06 -10.12 -24.23
CA LYS A 150 -1.25 -11.13 -23.19
C LYS A 150 -2.15 -10.62 -22.07
N ALA A 151 -1.99 -9.34 -21.70
CA ALA A 151 -2.84 -8.77 -20.64
C ALA A 151 -4.32 -8.76 -21.06
N ALA A 152 -4.58 -8.49 -22.34
CA ALA A 152 -5.92 -8.58 -22.91
C ALA A 152 -6.50 -9.97 -22.73
N ASP A 153 -5.72 -11.01 -23.03
CA ASP A 153 -6.17 -12.38 -22.82
C ASP A 153 -6.44 -12.71 -21.35
N TYR A 154 -5.61 -12.20 -20.45
CA TYR A 154 -5.80 -12.46 -19.00
C TYR A 154 -7.08 -11.81 -18.50
N LEU A 155 -7.34 -10.58 -18.96
CA LEU A 155 -8.56 -9.88 -18.55
C LEU A 155 -9.77 -10.59 -19.12
N LYS A 156 -9.70 -10.97 -20.39
CA LYS A 156 -10.83 -11.66 -21.05
C LYS A 156 -11.17 -12.98 -20.39
N VAL A 157 -10.16 -13.81 -20.10
CA VAL A 157 -10.41 -15.11 -19.47
C VAL A 157 -10.95 -14.94 -18.05
N SER A 158 -10.53 -13.88 -17.37
CA SER A 158 -11.00 -13.62 -16.03
C SER A 158 -12.48 -13.24 -16.09
N ALA A 159 -12.83 -12.32 -16.97
CA ALA A 159 -14.22 -11.90 -17.18
C ALA A 159 -15.13 -13.07 -17.58
N LYS A 160 -14.61 -13.92 -18.47
CA LYS A 160 -15.32 -15.12 -18.93
C LYS A 160 -15.75 -15.97 -17.74
N ASN A 161 -14.95 -15.91 -16.67
CA ASN A 161 -15.13 -16.76 -15.51
C ASN A 161 -15.63 -16.04 -14.26
N GLY A 162 -15.81 -14.72 -14.37
CA GLY A 162 -16.19 -13.90 -13.23
C GLY A 162 -15.08 -13.68 -12.22
N GLY A 163 -13.84 -13.93 -12.63
CA GLY A 163 -12.69 -13.68 -11.78
C GLY A 163 -12.12 -12.31 -12.09
N TYR A 164 -11.13 -11.88 -11.31
CA TYR A 164 -10.47 -10.61 -11.56
C TYR A 164 -9.08 -10.79 -12.16
N PHE A 165 -8.73 -9.91 -13.09
CA PHE A 165 -7.34 -9.77 -13.49
C PHE A 165 -6.74 -8.59 -12.71
N ILE A 166 -5.69 -8.87 -11.94
CA ILE A 166 -5.04 -7.85 -11.12
C ILE A 166 -3.65 -7.57 -11.68
N TRP A 167 -3.38 -6.32 -12.00
CA TRP A 167 -2.08 -5.95 -12.59
C TRP A 167 -1.40 -4.93 -11.68
N ALA A 168 -0.21 -5.27 -11.16
CA ALA A 168 0.52 -4.38 -10.29
C ALA A 168 1.75 -3.89 -11.05
N GLU A 169 1.81 -2.57 -11.28
CA GLU A 169 2.81 -2.05 -12.17
C GLU A 169 3.21 -0.63 -11.76
N GLN A 170 4.46 -0.27 -11.99
CA GLN A 170 4.93 1.10 -11.76
C GLN A 170 5.24 1.78 -13.10
N ASN A 171 5.00 3.10 -13.17
CA ASN A 171 5.18 3.83 -14.43
C ASN A 171 6.63 4.15 -14.76
N SER A 172 7.53 3.17 -14.61
CA SER A 172 8.90 3.32 -15.12
C SER A 172 8.89 3.03 -16.62
N GLY A 173 9.64 3.83 -17.39
CA GLY A 173 9.68 3.70 -18.85
C GLY A 173 8.32 3.80 -19.53
N SER A 174 7.46 4.67 -18.99
CA SER A 174 6.08 4.87 -19.49
C SER A 174 5.17 3.65 -19.40
N ALA A 175 5.40 2.75 -18.43
CA ALA A 175 4.73 1.44 -18.44
C ALA A 175 3.21 1.52 -18.44
N ILE A 176 2.65 2.39 -17.61
CA ILE A 176 1.20 2.47 -17.50
C ILE A 176 0.61 3.03 -18.79
N GLU A 177 1.32 3.97 -19.39
CA GLU A 177 0.89 4.64 -20.61
C GLU A 177 0.94 3.63 -21.76
N LYS A 178 2.07 2.93 -21.91
CA LYS A 178 2.18 1.84 -22.88
C LYS A 178 1.09 0.76 -22.73
N ALA A 179 0.76 0.40 -21.48
CA ALA A 179 -0.25 -0.64 -21.22
C ALA A 179 -1.60 -0.34 -21.89
N PHE A 180 -1.95 0.95 -21.91
CA PHE A 180 -3.22 1.41 -22.47
C PHE A 180 -3.12 1.87 -23.94
N GLY A 181 -1.94 1.68 -24.54
CA GLY A 181 -1.77 1.82 -25.98
C GLY A 181 -0.94 2.98 -26.49
N LYS A 182 -0.18 3.65 -25.62
CA LYS A 182 0.61 4.83 -26.01
C LYS A 182 1.46 4.59 -27.26
N ASN A 183 2.19 3.47 -27.27
CA ASN A 183 3.07 3.14 -28.40
C ASN A 183 2.43 2.30 -29.50
N GLY A 184 1.10 2.28 -29.52
CA GLY A 184 0.39 1.59 -30.58
C GLY A 184 0.01 0.15 -30.29
N LYS A 185 0.37 -0.37 -29.11
CA LYS A 185 -0.10 -1.71 -28.69
C LYS A 185 -1.44 -1.59 -27.97
N ILE A 186 -2.53 -1.75 -28.71
CA ILE A 186 -3.86 -1.36 -28.19
C ILE A 186 -4.79 -2.49 -27.76
N ALA A 187 -4.33 -3.74 -27.81
CA ALA A 187 -5.18 -4.88 -27.44
C ALA A 187 -5.76 -4.77 -26.03
N PHE A 188 -4.95 -4.31 -25.07
CA PHE A 188 -5.42 -4.18 -23.68
C PHE A 188 -6.43 -3.03 -23.53
N GLN A 189 -6.13 -1.90 -24.17
CA GLN A 189 -7.08 -0.80 -24.27
C GLN A 189 -8.48 -1.28 -24.74
N LYS A 190 -8.52 -2.05 -25.82
CA LYS A 190 -9.79 -2.58 -26.31
C LYS A 190 -10.39 -3.60 -25.35
N SER A 191 -9.53 -4.41 -24.73
CA SER A 191 -10.00 -5.36 -23.72
C SER A 191 -10.68 -4.61 -22.58
N VAL A 192 -10.02 -3.53 -22.12
CA VAL A 192 -10.51 -2.73 -21.01
C VAL A 192 -11.87 -2.10 -21.35
N ASP A 193 -12.01 -1.60 -22.58
CA ASP A 193 -13.30 -1.04 -23.03
C ASP A 193 -14.46 -2.00 -22.77
N LYS A 194 -14.24 -3.29 -23.01
CA LYS A 194 -15.25 -4.34 -22.75
C LYS A 194 -15.27 -4.87 -21.32
N TYR A 195 -14.11 -5.03 -20.70
CA TYR A 195 -14.03 -5.86 -19.49
C TYR A 195 -13.54 -5.18 -18.20
N TRP A 196 -13.52 -3.84 -18.19
CA TRP A 196 -12.97 -3.07 -17.06
C TRP A 196 -13.51 -3.44 -15.69
N LYS A 197 -14.77 -3.88 -15.61
CA LYS A 197 -15.38 -4.30 -14.35
C LYS A 197 -14.69 -5.51 -13.71
N ASN A 198 -13.83 -6.20 -14.46
CA ASN A 198 -13.08 -7.34 -13.92
C ASN A 198 -11.59 -7.07 -13.73
N LEU A 199 -11.19 -5.80 -13.85
CA LEU A 199 -9.80 -5.40 -13.76
C LEU A 199 -9.53 -4.62 -12.49
N ILE A 200 -8.44 -4.97 -11.81
CA ILE A 200 -7.89 -4.15 -10.72
C ILE A 200 -6.50 -3.74 -11.15
N PHE A 201 -6.22 -2.44 -11.11
CA PHE A 201 -4.86 -1.97 -11.40
C PHE A 201 -4.22 -1.41 -10.13
N MET A 202 -2.98 -1.82 -9.84
CA MET A 202 -2.27 -1.42 -8.64
C MET A 202 -0.91 -0.83 -8.98
N PHE A 203 -0.45 0.11 -8.16
CA PHE A 203 0.93 0.53 -8.26
C PHE A 203 1.84 -0.53 -7.64
N LYS A 204 3.14 -0.47 -7.96
CA LYS A 204 4.10 -1.33 -7.29
C LYS A 204 5.31 -0.46 -7.02
N ASN A 205 5.45 0.00 -5.78
CA ASN A 205 6.38 1.09 -5.49
C ASN A 205 7.87 0.71 -5.32
N THR A 206 8.16 -0.56 -5.59
CA THR A 206 9.53 -1.12 -5.56
C THR A 206 10.65 -0.25 -6.18
N PRO A 207 10.55 0.13 -7.47
CA PRO A 207 11.74 0.73 -8.08
C PRO A 207 11.87 2.21 -7.71
N ALA A 208 12.08 2.48 -6.42
CA ALA A 208 11.96 3.82 -5.83
C ALA A 208 12.97 4.87 -6.27
N ALA A 209 14.14 4.43 -6.75
CA ALA A 209 15.15 5.39 -7.23
C ALA A 209 14.68 6.15 -8.48
N GLU A 210 13.75 5.58 -9.23
CA GLU A 210 13.24 6.28 -10.42
C GLU A 210 12.09 7.26 -10.11
N GLY A 211 11.60 7.23 -8.86
CA GLY A 211 10.70 8.28 -8.35
C GLY A 211 9.30 8.40 -8.93
N ASN A 212 8.78 7.27 -9.42
CA ASN A 212 7.49 7.28 -10.10
C ASN A 212 6.27 7.04 -9.20
N ASP A 213 6.44 7.15 -7.88
CA ASP A 213 5.36 6.89 -6.93
C ASP A 213 4.11 7.77 -7.11
N SER A 214 4.30 9.09 -7.09
CA SER A 214 3.18 10.02 -7.14
C SER A 214 2.43 9.92 -8.45
N THR A 215 3.17 9.77 -9.54
CA THR A 215 2.56 9.73 -10.86
C THR A 215 1.82 8.41 -11.11
N THR A 216 2.40 7.31 -10.65
CA THR A 216 1.73 6.03 -10.82
C THR A 216 0.45 6.03 -10.01
N GLU A 217 0.51 6.54 -8.77
CA GLU A 217 -0.67 6.51 -7.90
C GLU A 217 -1.77 7.43 -8.47
N SER A 218 -1.38 8.60 -8.97
CA SER A 218 -2.28 9.48 -9.72
C SER A 218 -2.99 8.73 -10.87
N TYR A 219 -2.24 7.95 -11.65
CA TYR A 219 -2.85 7.14 -12.73
C TYR A 219 -3.85 6.12 -12.19
N MET A 220 -3.47 5.41 -11.13
CA MET A 220 -4.31 4.34 -10.60
C MET A 220 -5.65 4.93 -10.20
N LYS A 221 -5.59 6.07 -9.52
CA LYS A 221 -6.78 6.77 -9.06
C LYS A 221 -7.63 7.23 -10.23
N GLY A 222 -6.99 7.87 -11.22
CA GLY A 222 -7.69 8.42 -12.38
C GLY A 222 -8.28 7.36 -13.29
N LEU A 223 -7.54 6.28 -13.51
CA LEU A 223 -8.08 5.10 -14.26
C LEU A 223 -9.35 4.61 -13.63
N TRP A 224 -9.36 4.53 -12.30
CA TRP A 224 -10.53 4.08 -11.53
C TRP A 224 -11.70 5.04 -11.71
N LEU A 225 -11.47 6.33 -11.48
CA LEU A 225 -12.52 7.34 -11.56
C LEU A 225 -13.11 7.44 -12.95
N SER A 226 -12.28 7.21 -13.96
CA SER A 226 -12.73 7.31 -15.35
C SER A 226 -13.23 5.97 -15.93
N ASN A 227 -13.45 4.98 -15.05
CA ASN A 227 -14.00 3.67 -15.43
C ASN A 227 -13.10 2.84 -16.35
N HIS A 228 -11.79 2.99 -16.23
CA HIS A 228 -10.85 2.14 -16.97
C HIS A 228 -10.40 0.95 -16.12
N THR A 229 -10.81 0.95 -14.86
CA THR A 229 -10.50 -0.13 -13.95
C THR A 229 -11.62 -0.19 -12.91
N TYR A 230 -11.94 -1.40 -12.44
CA TYR A 230 -13.04 -1.59 -11.47
C TYR A 230 -12.68 -1.06 -10.08
N GLN A 231 -11.47 -1.35 -9.63
CA GLN A 231 -10.92 -0.76 -8.41
C GLN A 231 -9.41 -0.63 -8.58
N TRP A 232 -8.76 -0.05 -7.58
CA TRP A 232 -7.32 0.13 -7.62
C TRP A 232 -6.69 -0.10 -6.26
N GLY A 233 -5.37 -0.15 -6.24
CA GLY A 233 -4.68 -0.18 -4.98
C GLY A 233 -3.19 -0.08 -5.22
N GLY A 234 -2.43 -0.63 -4.28
CA GLY A 234 -0.99 -0.54 -4.37
C GLY A 234 -0.32 -1.70 -3.69
N LEU A 235 0.85 -2.04 -4.22
CA LEU A 235 1.72 -2.98 -3.58
C LEU A 235 2.86 -2.13 -3.06
N MET A 236 2.96 -2.07 -1.73
CA MET A 236 3.98 -1.28 -1.05
C MET A 236 5.12 -2.19 -0.59
N ASP A 237 6.33 -1.79 -0.95
CA ASP A 237 7.46 -2.71 -0.91
C ASP A 237 8.64 -2.20 -0.10
N THR A 238 9.00 -2.92 0.97
CA THR A 238 10.13 -2.51 1.81
C THR A 238 11.48 -2.57 1.07
N TRP A 239 11.53 -3.25 -0.08
CA TRP A 239 12.70 -3.23 -0.97
C TRP A 239 13.06 -1.82 -1.52
N LYS A 240 12.15 -0.85 -1.36
CA LYS A 240 12.47 0.55 -1.76
C LYS A 240 13.72 1.08 -1.07
N TRP A 241 14.01 0.57 0.13
CA TRP A 241 15.18 0.99 0.93
C TRP A 241 16.49 0.53 0.27
N TYR A 242 16.44 -0.64 -0.36
CA TYR A 242 17.52 -1.18 -1.21
C TYR A 242 17.68 -0.36 -2.50
N GLU A 243 16.60 -0.18 -3.23
CA GLU A 243 16.66 0.53 -4.53
C GLU A 243 17.20 1.93 -4.38
N THR A 244 16.99 2.56 -3.23
CA THR A 244 17.43 3.93 -2.99
C THR A 244 18.75 4.03 -2.26
N GLY A 245 19.33 2.88 -1.90
CA GLY A 245 20.66 2.85 -1.32
C GLY A 245 20.78 3.28 0.14
N LYS A 246 19.68 3.23 0.90
CA LYS A 246 19.73 3.63 2.31
C LYS A 246 20.27 2.49 3.18
N TRP A 247 20.70 2.83 4.39
CA TRP A 247 21.20 1.82 5.30
C TRP A 247 20.59 2.03 6.67
N LYS A 248 21.40 2.10 7.73
CA LYS A 248 20.91 2.28 9.09
C LYS A 248 20.03 3.53 9.15
N LEU A 249 18.95 3.46 9.93
CA LEU A 249 17.98 4.55 10.04
C LEU A 249 18.66 5.85 10.48
N PHE A 250 18.41 6.91 9.71
CA PHE A 250 18.90 8.27 9.98
C PHE A 250 20.39 8.45 9.71
N ALA A 251 21.07 7.40 9.26
CA ALA A 251 22.53 7.48 9.08
C ALA A 251 22.85 8.24 7.79
N SER A 252 24.00 8.89 7.74
CA SER A 252 24.32 9.63 6.52
C SER A 252 25.11 8.73 5.56
N GLY A 253 25.10 9.10 4.29
CA GLY A 253 25.77 8.33 3.26
C GLY A 253 24.84 7.35 2.57
N ASN A 254 25.16 7.03 1.33
CA ASN A 254 24.38 6.14 0.50
C ASN A 254 25.25 4.96 0.09
N ILE A 255 24.70 3.74 0.23
CA ILE A 255 25.47 2.51 -0.03
C ILE A 255 25.06 1.86 -1.36
N GLY A 256 24.17 2.51 -2.10
CA GLY A 256 23.61 1.94 -3.32
C GLY A 256 22.92 0.60 -3.07
N LYS A 257 22.85 -0.22 -4.11
CA LYS A 257 22.05 -1.44 -4.08
C LYS A 257 22.96 -2.60 -3.72
N SER A 258 23.50 -2.57 -2.51
CA SER A 258 24.67 -3.40 -2.20
C SER A 258 24.45 -4.32 -1.01
N GLN A 259 23.37 -4.10 -0.26
CA GLN A 259 23.10 -4.91 0.93
C GLN A 259 21.65 -5.29 0.99
N GLY A 260 21.17 -5.90 -0.09
CA GLY A 260 19.74 -6.07 -0.34
C GLY A 260 18.97 -6.59 0.84
N ASP A 261 19.45 -7.68 1.44
CA ASP A 261 18.68 -8.39 2.49
C ASP A 261 18.69 -7.72 3.89
N ARG A 262 19.69 -6.87 4.17
CA ARG A 262 19.65 -5.97 5.33
C ARG A 262 18.70 -4.81 5.03
N GLN A 263 18.75 -4.35 3.79
CA GLN A 263 18.02 -3.15 3.42
C GLN A 263 16.51 -3.34 3.47
N TRP A 264 15.98 -4.46 2.97
CA TRP A 264 14.53 -4.67 2.96
C TRP A 264 13.90 -4.92 4.33
N LEU A 265 14.75 -5.03 5.34
CA LEU A 265 14.33 -5.16 6.72
C LEU A 265 14.26 -3.80 7.44
N THR A 266 14.85 -2.78 6.84
CA THR A 266 15.13 -1.56 7.58
C THR A 266 14.03 -0.50 7.59
N GLU A 267 13.14 -0.49 6.58
CA GLU A 267 12.04 0.49 6.58
C GLU A 267 11.21 0.44 7.88
N PRO A 268 11.06 1.60 8.57
CA PRO A 268 10.21 1.66 9.77
C PRO A 268 8.81 1.04 9.53
N GLU A 269 8.37 0.22 10.48
CA GLU A 269 7.10 -0.48 10.40
C GLU A 269 5.91 0.47 10.13
N SER A 270 5.79 1.54 10.92
CA SER A 270 4.70 2.50 10.79
C SER A 270 4.69 3.22 9.43
N MET A 271 5.84 3.32 8.78
CA MET A 271 5.90 3.97 7.47
C MET A 271 5.11 3.21 6.41
N LEU A 272 5.00 1.88 6.56
CA LEU A 272 4.11 1.10 5.68
C LEU A 272 2.66 1.57 5.81
N GLY A 273 2.26 1.92 7.03
CA GLY A 273 0.94 2.49 7.28
C GLY A 273 0.76 3.84 6.60
N GLU A 274 1.80 4.68 6.65
CA GLU A 274 1.80 5.99 6.01
C GLU A 274 1.64 5.88 4.48
N GLU A 275 2.27 4.89 3.87
CA GLU A 275 2.13 4.63 2.44
C GLU A 275 0.69 4.18 2.15
N ALA A 276 0.20 3.26 2.98
CA ALA A 276 -1.15 2.70 2.78
C ALA A 276 -2.25 3.76 2.88
N LEU A 277 -2.04 4.79 3.71
CA LEU A 277 -2.98 5.89 3.82
C LEU A 277 -3.25 6.59 2.48
N GLY A 278 -2.23 6.65 1.63
CA GLY A 278 -2.37 7.26 0.30
C GLY A 278 -3.33 6.50 -0.61
N VAL A 279 -3.44 5.19 -0.40
CA VAL A 279 -4.41 4.34 -1.13
C VAL A 279 -5.81 4.61 -0.57
N TYR A 280 -5.97 4.39 0.75
CA TYR A 280 -7.24 4.49 1.44
C TYR A 280 -7.92 5.84 1.24
N LEU A 281 -7.16 6.91 1.46
CA LEU A 281 -7.68 8.26 1.51
C LEU A 281 -8.12 8.72 0.14
N ASN A 282 -7.75 7.94 -0.88
CA ASN A 282 -8.04 8.28 -2.26
C ASN A 282 -8.91 7.26 -2.95
N GLY A 283 -9.56 6.43 -2.14
CA GLY A 283 -10.57 5.50 -2.63
C GLY A 283 -10.06 4.14 -3.06
N GLY A 284 -8.76 3.88 -2.89
CA GLY A 284 -8.19 2.56 -3.20
C GLY A 284 -8.60 1.55 -2.14
N VAL A 285 -8.64 0.27 -2.51
CA VAL A 285 -9.21 -0.77 -1.64
C VAL A 285 -8.45 -2.10 -1.72
N VAL A 286 -7.38 -2.15 -2.52
CA VAL A 286 -6.57 -3.36 -2.65
C VAL A 286 -5.14 -3.11 -2.12
N TYR A 287 -4.70 -3.98 -1.22
CA TYR A 287 -3.41 -3.82 -0.56
C TYR A 287 -2.60 -5.11 -0.71
N ASN A 288 -1.31 -4.94 -0.92
CA ASN A 288 -0.34 -6.04 -1.01
C ASN A 288 1.03 -5.49 -0.62
N PHE A 289 1.92 -6.36 -0.16
CA PHE A 289 3.24 -5.92 0.36
C PHE A 289 4.34 -6.91 0.02
N GLU A 290 5.56 -6.40 -0.06
CA GLU A 290 6.79 -7.16 -0.04
C GLU A 290 7.71 -6.36 0.89
N HIS A 291 8.78 -6.95 1.45
CA HIS A 291 9.13 -8.37 1.35
C HIS A 291 8.19 -9.16 2.26
N PRO A 292 7.60 -10.26 1.76
CA PRO A 292 6.58 -10.98 2.54
C PRO A 292 7.01 -11.44 3.95
N ALA A 293 8.30 -11.69 4.16
CA ALA A 293 8.74 -12.26 5.43
C ALA A 293 8.72 -11.20 6.51
N TYR A 294 8.98 -9.96 6.13
CA TYR A 294 8.95 -8.83 7.05
C TYR A 294 7.52 -8.26 7.19
N THR A 295 6.84 -8.03 6.07
CA THR A 295 5.54 -7.38 6.08
C THR A 295 4.40 -8.27 6.56
N TYR A 296 4.52 -9.60 6.37
CA TYR A 296 3.47 -10.52 6.80
C TYR A 296 3.93 -11.46 7.91
N GLY A 297 5.07 -12.12 7.72
CA GLY A 297 5.56 -13.07 8.70
C GLY A 297 6.20 -14.34 8.14
N VAL A 298 6.53 -15.24 9.06
CA VAL A 298 7.18 -16.49 8.70
C VAL A 298 6.56 -17.63 9.51
N ASN A 299 6.64 -18.84 8.98
CA ASN A 299 6.18 -20.03 9.75
C ASN A 299 4.76 -19.91 10.29
N ASN A 300 3.86 -19.39 9.46
CA ASN A 300 2.46 -19.18 9.82
C ASN A 300 2.28 -18.26 11.04
N LYS A 301 3.31 -17.47 11.36
CA LYS A 301 3.22 -16.46 12.43
C LYS A 301 3.21 -15.06 11.84
N GLU A 302 2.49 -14.14 12.49
CA GLU A 302 2.45 -12.74 12.06
C GLU A 302 3.68 -12.03 12.56
N SER A 303 4.36 -11.31 11.66
CA SER A 303 5.47 -10.46 12.07
C SER A 303 4.86 -9.29 12.83
N LEU A 304 5.69 -8.57 13.58
CA LEU A 304 5.21 -7.41 14.33
C LEU A 304 4.76 -6.27 13.39
N LEU A 305 5.44 -6.12 12.25
CA LEU A 305 4.95 -5.17 11.24
C LEU A 305 3.50 -5.52 10.88
N PHE A 306 3.22 -6.80 10.62
CA PHE A 306 1.86 -7.20 10.29
C PHE A 306 0.91 -7.01 11.45
N SER A 307 1.28 -7.50 12.64
CA SER A 307 0.32 -7.46 13.77
C SER A 307 0.03 -6.05 14.25
N GLU A 308 1.07 -5.21 14.33
CA GLU A 308 0.90 -3.88 14.95
C GLU A 308 0.54 -2.77 13.99
N VAL A 309 0.79 -2.98 12.69
CA VAL A 309 0.54 -1.93 11.69
C VAL A 309 -0.48 -2.34 10.60
N ILE A 310 -0.12 -3.34 9.78
CA ILE A 310 -0.93 -3.68 8.63
C ILE A 310 -2.28 -4.25 9.03
N LYS A 311 -2.29 -5.20 9.96
CA LYS A 311 -3.55 -5.80 10.45
C LYS A 311 -4.48 -4.71 11.00
N GLU A 312 -3.92 -3.85 11.86
CA GLU A 312 -4.71 -2.80 12.46
C GLU A 312 -5.16 -1.79 11.41
N PHE A 313 -4.27 -1.41 10.49
CA PHE A 313 -4.67 -0.54 9.39
C PHE A 313 -5.82 -1.14 8.56
N PHE A 314 -5.71 -2.42 8.24
CA PHE A 314 -6.67 -3.06 7.35
C PHE A 314 -8.03 -3.18 8.05
N ARG A 315 -8.01 -3.52 9.33
CA ARG A 315 -9.22 -3.49 10.13
C ARG A 315 -9.89 -2.12 10.14
N TYR A 316 -9.10 -1.05 10.17
CA TYR A 316 -9.64 0.29 10.09
C TYR A 316 -10.37 0.55 8.77
N VAL A 317 -9.79 0.15 7.65
CA VAL A 317 -10.43 0.42 6.35
C VAL A 317 -11.67 -0.44 6.07
N ILE A 318 -11.80 -1.55 6.81
CA ILE A 318 -13.02 -2.35 6.84
C ILE A 318 -14.09 -1.63 7.69
N ALA A 319 -13.70 -1.14 8.86
CA ALA A 319 -14.63 -0.46 9.78
C ALA A 319 -15.09 0.89 9.24
N HIS A 320 -14.21 1.56 8.51
CA HIS A 320 -14.51 2.85 7.90
C HIS A 320 -14.22 2.76 6.39
N PRO A 321 -15.18 2.23 5.61
CA PRO A 321 -14.97 2.07 4.17
C PRO A 321 -14.40 3.33 3.52
N ALA A 322 -13.45 3.14 2.61
CA ALA A 322 -12.83 4.21 1.83
C ALA A 322 -13.89 5.09 1.14
N PRO A 323 -13.53 6.35 0.79
CA PRO A 323 -14.53 7.13 0.05
C PRO A 323 -14.89 6.38 -1.23
N SER A 324 -16.19 6.33 -1.52
CA SER A 324 -16.71 5.68 -2.72
C SER A 324 -16.25 6.44 -3.96
N LYS A 325 -16.38 5.80 -5.12
CA LYS A 325 -16.08 6.47 -6.38
C LYS A 325 -16.93 7.75 -6.55
N GLU A 326 -18.20 7.66 -6.18
CA GLU A 326 -19.08 8.82 -6.24
C GLU A 326 -18.52 9.96 -5.37
N LYS A 327 -18.17 9.64 -4.12
CA LYS A 327 -17.61 10.63 -3.20
C LYS A 327 -16.32 11.28 -3.72
N VAL A 328 -15.37 10.46 -4.15
CA VAL A 328 -14.12 10.98 -4.68
C VAL A 328 -14.39 11.88 -5.90
N LEU A 329 -15.24 11.42 -6.81
CA LEU A 329 -15.65 12.22 -7.96
C LEU A 329 -16.15 13.62 -7.56
N GLU A 330 -17.00 13.68 -6.55
CA GLU A 330 -17.56 14.97 -6.06
C GLU A 330 -16.50 15.91 -5.48
N ASP A 331 -15.48 15.35 -4.83
CA ASP A 331 -14.40 16.14 -4.22
C ASP A 331 -13.33 16.56 -5.24
N THR A 332 -13.25 15.87 -6.38
CA THR A 332 -12.20 16.12 -7.38
C THR A 332 -12.43 17.46 -8.08
N LYS A 333 -11.45 18.35 -8.01
CA LYS A 333 -11.56 19.66 -8.66
C LYS A 333 -10.81 19.71 -9.98
N VAL A 334 -9.73 18.92 -10.07
CA VAL A 334 -8.85 18.87 -11.25
C VAL A 334 -8.61 17.40 -11.60
N PHE A 335 -8.65 17.09 -12.90
CA PHE A 335 -8.37 15.75 -13.39
C PHE A 335 -7.45 15.89 -14.60
N ILE A 336 -6.24 15.32 -14.52
CA ILE A 336 -5.24 15.53 -15.56
C ILE A 336 -5.38 14.48 -16.66
N HIS A 337 -5.32 14.94 -17.92
CA HIS A 337 -5.31 14.03 -19.07
C HIS A 337 -3.99 14.19 -19.85
N GLY A 338 -3.18 13.13 -19.87
CA GLY A 338 -1.88 13.19 -20.55
C GLY A 338 -0.79 12.36 -19.90
N ASP A 339 0.41 12.44 -20.48
CA ASP A 339 1.50 11.53 -20.12
C ASP A 339 2.48 12.17 -19.17
N TYR A 340 2.55 11.68 -17.94
CA TYR A 340 3.55 12.15 -16.98
C TYR A 340 4.99 11.91 -17.48
N SER A 341 5.14 10.95 -18.39
CA SER A 341 6.45 10.61 -18.97
C SER A 341 7.11 11.74 -19.76
N ASN A 342 6.32 12.67 -20.25
N ASN A 342 6.30 12.66 -20.28
CA ASN A 342 6.90 13.81 -20.94
CA ASN A 342 6.83 13.83 -20.97
C ASN A 342 6.83 15.11 -20.14
C ASN A 342 6.78 15.12 -20.15
N LYS A 343 6.46 14.99 -18.87
CA LYS A 343 6.40 16.13 -17.93
C LYS A 343 7.24 15.87 -16.67
N GLY A 344 8.31 15.11 -16.83
CA GLY A 344 9.30 14.90 -15.76
C GLY A 344 9.00 13.77 -14.81
N ASN A 345 7.97 12.97 -15.10
CA ASN A 345 7.59 11.83 -14.23
C ASN A 345 7.34 12.30 -12.80
N GLY A 346 7.99 11.67 -11.81
CA GLY A 346 7.79 12.06 -10.41
C GLY A 346 8.10 13.50 -10.04
N LYS A 347 9.01 14.12 -10.80
CA LYS A 347 9.35 15.54 -10.59
C LYS A 347 8.13 16.44 -10.71
N PHE A 348 7.12 15.99 -11.45
CA PHE A 348 5.87 16.75 -11.63
C PHE A 348 5.33 17.26 -10.29
N PHE A 349 5.37 16.42 -9.26
CA PHE A 349 4.71 16.72 -8.00
C PHE A 349 5.64 17.20 -6.90
N VAL A 350 6.94 17.20 -7.17
CA VAL A 350 7.93 17.61 -6.18
C VAL A 350 7.76 19.09 -5.88
N ASN A 351 7.68 19.41 -4.59
CA ASN A 351 7.36 20.75 -4.08
C ASN A 351 5.97 21.23 -4.53
N VAL A 352 5.15 20.29 -5.00
CA VAL A 352 3.71 20.48 -5.12
C VAL A 352 3.03 19.72 -3.98
N ASN A 353 3.08 18.38 -3.99
CA ASN A 353 2.68 17.61 -2.79
C ASN A 353 3.64 16.51 -2.32
N THR A 354 4.85 16.47 -2.88
CA THR A 354 5.88 15.55 -2.39
C THR A 354 7.14 16.34 -2.07
N ASP A 355 7.91 15.89 -1.09
CA ASP A 355 9.03 16.72 -0.62
C ASP A 355 10.35 16.42 -1.34
N ARG A 356 10.36 15.43 -2.21
CA ARG A 356 11.62 15.00 -2.86
C ARG A 356 11.26 14.04 -3.97
N GLU A 357 12.22 13.75 -4.83
CA GLU A 357 12.01 12.90 -5.98
C GLU A 357 11.77 11.44 -5.63
N GLN A 358 12.43 10.94 -4.58
CA GLN A 358 12.32 9.52 -4.23
C GLN A 358 11.64 9.32 -2.88
N THR A 359 10.31 9.30 -2.89
CA THR A 359 9.53 9.09 -1.69
C THR A 359 8.18 8.49 -2.02
N PRO A 360 7.64 7.65 -1.10
CA PRO A 360 6.30 7.13 -1.25
C PRO A 360 5.27 7.91 -0.43
N LEU A 361 5.68 9.05 0.13
CA LEU A 361 4.84 9.82 1.02
C LEU A 361 4.48 11.17 0.41
N TYR A 362 3.51 11.85 1.03
CA TYR A 362 3.13 13.21 0.65
C TYR A 362 3.44 14.20 1.74
N MET A 363 3.65 15.46 1.35
CA MET A 363 4.03 16.50 2.27
C MET A 363 2.83 17.38 2.61
N THR A 364 1.77 17.23 1.84
CA THR A 364 0.49 17.89 2.12
C THR A 364 -0.68 17.10 1.55
N GLY A 365 -1.81 17.10 2.27
CA GLY A 365 -3.07 16.53 1.75
C GLY A 365 -3.98 17.53 1.03
N ARG A 366 -3.50 18.75 0.86
CA ARG A 366 -4.31 19.86 0.35
C ARG A 366 -5.02 19.54 -0.97
N TYR A 367 -4.34 18.79 -1.85
CA TYR A 367 -4.87 18.41 -3.15
C TYR A 367 -5.20 16.94 -3.19
N ASN A 368 -5.13 16.31 -2.01
CA ASN A 368 -4.99 14.86 -1.90
C ASN A 368 -4.13 14.29 -3.03
N VAL A 369 -4.60 13.28 -3.77
CA VAL A 369 -3.92 12.83 -5.00
C VAL A 369 -4.70 13.35 -6.21
N ILE A 370 -4.05 14.14 -7.05
CA ILE A 370 -4.67 14.63 -8.28
C ILE A 370 -4.79 13.43 -9.23
N PRO A 371 -6.01 13.10 -9.67
CA PRO A 371 -6.15 11.91 -10.53
C PRO A 371 -5.77 12.21 -11.97
N ALA A 372 -5.31 11.19 -12.69
CA ALA A 372 -4.93 11.37 -14.08
C ALA A 372 -5.08 10.08 -14.86
N ILE A 373 -5.16 10.20 -16.19
CA ILE A 373 -5.02 9.06 -17.10
C ILE A 373 -4.05 9.41 -18.25
N PRO A 374 -3.40 8.39 -18.85
CA PRO A 374 -2.49 8.61 -19.98
C PRO A 374 -3.16 9.29 -21.17
N GLY A 375 -2.37 10.02 -21.95
CA GLY A 375 -2.89 10.72 -23.12
C GLY A 375 -3.62 9.82 -24.10
N VAL A 376 -3.20 8.56 -24.20
CA VAL A 376 -3.82 7.64 -25.16
C VAL A 376 -5.32 7.40 -24.91
N LEU A 377 -5.75 7.53 -23.65
CA LEU A 377 -7.13 7.26 -23.29
C LEU A 377 -8.02 8.48 -23.50
N LYS A 378 -9.33 8.26 -23.43
CA LYS A 378 -10.33 9.31 -23.54
C LYS A 378 -11.00 9.52 -22.19
N THR A 379 -11.56 10.70 -22.00
CA THR A 379 -12.28 11.08 -20.78
C THR A 379 -13.80 10.91 -20.90
N ASP A 380 -14.23 10.22 -21.96
CA ASP A 380 -15.65 9.98 -22.25
C ASP A 380 -16.48 9.45 -21.07
N LYS A 381 -16.05 8.32 -20.50
CA LYS A 381 -16.79 7.66 -19.41
C LYS A 381 -16.78 8.51 -18.14
N LEU A 382 -15.69 9.25 -17.95
CA LEU A 382 -15.62 10.24 -16.87
C LEU A 382 -16.72 11.30 -17.02
N LYS A 383 -16.78 11.94 -18.19
CA LYS A 383 -17.73 13.03 -18.46
C LYS A 383 -19.19 12.56 -18.41
N GLU A 384 -19.41 11.27 -18.72
CA GLU A 384 -20.73 10.66 -18.71
C GLU A 384 -21.27 10.49 -17.30
N SER A 385 -20.39 10.64 -16.32
CA SER A 385 -20.77 10.48 -14.92
C SER A 385 -21.59 11.67 -14.41
N VAL A 386 -22.58 11.36 -13.59
CA VAL A 386 -23.41 12.35 -12.89
C VAL A 386 -22.62 13.24 -11.91
N SER A 387 -21.56 12.69 -11.33
CA SER A 387 -20.81 13.32 -10.23
C SER A 387 -19.61 14.16 -10.70
N SER A 388 -19.38 14.16 -12.02
CA SER A 388 -18.17 14.76 -12.61
C SER A 388 -18.34 16.17 -13.21
N SER A 389 -19.54 16.73 -13.13
CA SER A 389 -19.83 18.03 -13.76
C SER A 389 -19.08 19.22 -13.14
N ARG A 390 -18.63 19.09 -11.89
CA ARG A 390 -17.89 20.20 -11.26
C ARG A 390 -16.36 20.06 -11.38
N ILE A 391 -15.91 19.10 -12.17
CA ILE A 391 -14.48 18.80 -12.37
C ILE A 391 -13.91 19.55 -13.57
N GLN A 392 -12.75 20.18 -13.38
CA GLN A 392 -11.98 20.69 -14.51
C GLN A 392 -11.03 19.62 -15.06
N ILE A 393 -11.30 19.19 -16.29
CA ILE A 393 -10.45 18.24 -17.00
C ILE A 393 -9.43 19.02 -17.83
N LYS A 394 -8.15 18.82 -17.52
CA LYS A 394 -7.08 19.62 -18.10
C LYS A 394 -6.02 18.76 -18.76
N GLU A 395 -5.57 19.18 -19.94
CA GLU A 395 -4.44 18.55 -20.60
C GLU A 395 -3.19 18.78 -19.78
N ILE A 396 -2.32 17.77 -19.70
CA ILE A 396 -1.08 17.90 -18.92
C ILE A 396 -0.15 18.94 -19.54
N THR A 397 -0.39 19.20 -20.82
CA THR A 397 0.37 20.17 -21.63
C THR A 397 -0.08 21.63 -21.42
N SER A 398 -1.22 21.84 -20.74
CA SER A 398 -1.73 23.17 -20.35
C SER A 398 -0.65 24.04 -19.70
N PRO A 399 -0.72 25.36 -19.90
CA PRO A 399 0.26 26.23 -19.20
C PRO A 399 0.19 26.11 -17.68
N GLU A 400 -0.98 25.74 -17.14
CA GLU A 400 -1.15 25.57 -15.69
C GLU A 400 -0.29 24.48 -15.07
N PHE A 401 0.22 23.56 -15.89
CA PHE A 401 1.02 22.45 -15.40
C PHE A 401 2.47 22.52 -15.87
N SER A 402 2.88 23.66 -16.40
CA SER A 402 4.17 23.76 -17.10
C SER A 402 5.38 23.89 -16.18
N SER A 403 5.15 24.30 -14.93
CA SER A 403 6.23 24.34 -13.94
C SER A 403 5.70 24.07 -12.55
N THR A 404 6.60 23.85 -11.60
CA THR A 404 6.23 23.69 -10.19
C THR A 404 5.34 24.85 -9.74
N GLN A 405 5.78 26.07 -10.03
CA GLN A 405 5.08 27.27 -9.62
C GLN A 405 3.70 27.38 -10.24
N ALA A 406 3.60 27.22 -11.57
CA ALA A 406 2.29 27.30 -12.21
C ALA A 406 1.32 26.28 -11.62
N ARG A 407 1.78 25.05 -11.36
CA ARG A 407 0.93 24.01 -10.76
C ARG A 407 0.37 24.46 -9.42
N LYS A 408 1.24 24.93 -8.53
CA LYS A 408 0.80 25.37 -7.22
C LYS A 408 -0.18 26.50 -7.36
N GLU A 409 0.19 27.52 -8.14
CA GLU A 409 -0.69 28.67 -8.36
C GLU A 409 -2.06 28.25 -8.88
N TYR A 410 -2.09 27.34 -9.87
CA TYR A 410 -3.37 26.87 -10.40
C TYR A 410 -4.16 26.05 -9.37
N LEU A 411 -3.49 25.09 -8.74
CA LEU A 411 -4.17 24.20 -7.81
C LEU A 411 -4.70 24.92 -6.56
N ASN A 412 -3.97 25.93 -6.10
CA ASN A 412 -4.34 26.66 -4.88
C ASN A 412 -5.65 27.44 -5.01
N LYS A 413 -5.94 27.91 -6.22
CA LYS A 413 -7.23 28.53 -6.53
C LYS A 413 -8.41 27.58 -6.32
N LEU A 414 -8.20 26.28 -6.56
CA LEU A 414 -9.30 25.31 -6.54
C LEU A 414 -9.35 24.44 -5.29
N TYR A 415 -8.19 24.27 -4.65
CA TYR A 415 -8.08 23.50 -3.42
C TYR A 415 -7.65 24.45 -2.32
N PRO A 416 -8.60 24.88 -1.48
CA PRO A 416 -8.23 25.89 -0.46
C PRO A 416 -7.29 25.28 0.58
N MET A 417 -6.46 26.13 1.17
CA MET A 417 -5.62 25.74 2.29
C MET A 417 -6.53 25.42 3.48
N ASN A 418 -6.37 24.24 4.07
CA ASN A 418 -7.30 23.81 5.11
C ASN A 418 -6.69 23.35 6.44
N TYR A 419 -5.40 23.63 6.63
CA TYR A 419 -4.71 23.45 7.91
C TYR A 419 -3.39 24.19 7.82
N GLU A 420 -2.68 24.29 8.95
CA GLU A 420 -1.38 24.97 8.98
C GLU A 420 -0.29 24.04 9.50
N GLY A 421 0.95 24.30 9.07
CA GLY A 421 2.10 23.57 9.57
C GLY A 421 2.75 22.74 8.49
N ASP A 422 4.06 22.52 8.65
CA ASP A 422 4.83 21.74 7.72
C ASP A 422 4.76 20.28 8.19
N ILE A 423 3.70 19.60 7.75
CA ILE A 423 3.38 18.24 8.14
C ILE A 423 2.32 17.73 7.15
N PHE A 424 2.21 16.41 6.96
CA PHE A 424 1.10 15.90 6.14
C PHE A 424 -0.21 15.85 6.91
N ALA A 425 -1.27 16.41 6.33
CA ALA A 425 -2.62 16.25 6.87
C ALA A 425 -3.67 16.27 5.77
N GLN A 426 -4.66 15.40 5.90
CA GLN A 426 -5.77 15.40 4.97
C GLN A 426 -7.03 15.14 5.78
N LYS A 427 -8.11 15.85 5.44
CA LYS A 427 -9.39 15.70 6.14
C LYS A 427 -10.44 14.92 5.35
N LEU A 428 -11.16 14.05 6.06
CA LEU A 428 -12.26 13.30 5.48
C LEU A 428 -13.42 13.35 6.49
N ASP A 429 -14.58 13.90 6.09
CA ASP A 429 -15.72 14.10 7.01
C ASP A 429 -15.27 14.68 8.36
N ASN A 430 -15.46 13.95 9.46
CA ASN A 430 -15.06 14.46 10.77
C ASN A 430 -13.67 13.97 11.22
N ARG A 431 -12.84 13.54 10.27
CA ARG A 431 -11.55 12.92 10.62
C ARG A 431 -10.35 13.63 10.04
N TRP A 432 -9.38 13.93 10.90
CA TRP A 432 -8.09 14.40 10.44
C TRP A 432 -7.09 13.26 10.43
N PHE A 433 -6.49 13.05 9.26
CA PHE A 433 -5.40 12.08 9.07
C PHE A 433 -4.11 12.86 8.99
N VAL A 434 -3.16 12.52 9.85
CA VAL A 434 -1.92 13.29 9.98
C VAL A 434 -0.74 12.35 9.99
N TYR A 435 0.33 12.71 9.28
CA TYR A 435 1.61 12.04 9.44
C TYR A 435 2.81 12.92 9.19
N ASN A 436 3.89 12.60 9.88
CA ASN A 436 5.20 13.20 9.66
C ASN A 436 5.78 12.60 8.39
N TYR A 437 6.12 13.46 7.42
CA TYR A 437 6.46 12.98 6.09
C TYR A 437 7.95 12.74 5.83
N LYS A 438 8.79 12.92 6.85
CA LYS A 438 10.21 12.62 6.71
C LYS A 438 10.43 11.11 6.49
N VAL A 439 11.27 10.78 5.52
CA VAL A 439 11.64 9.40 5.23
C VAL A 439 12.79 8.88 6.11
N ASN A 440 13.88 9.62 6.15
CA ASN A 440 15.11 9.11 6.77
C ASN A 440 15.85 10.24 7.47
N GLU A 441 15.08 11.19 8.01
CA GLU A 441 15.63 12.38 8.69
C GLU A 441 14.94 12.54 10.03
N ASN A 442 15.73 12.63 11.10
CA ASN A 442 15.12 12.63 12.42
C ASN A 442 14.64 14.03 12.82
N VAL A 443 13.54 14.47 12.21
CA VAL A 443 13.05 15.82 12.41
C VAL A 443 11.57 15.80 12.83
N LYS A 444 11.26 16.42 13.96
CA LYS A 444 9.86 16.56 14.40
C LYS A 444 9.09 17.49 13.48
N GLN A 445 7.79 17.23 13.35
CA GLN A 445 6.91 18.11 12.59
C GLN A 445 5.67 18.48 13.40
N THR A 446 5.16 19.66 13.13
CA THR A 446 4.00 20.17 13.88
C THR A 446 2.94 20.66 12.90
N GLY A 447 1.68 20.60 13.33
CA GLY A 447 0.56 21.10 12.52
C GLY A 447 -0.55 21.62 13.41
N LYS A 448 -1.38 22.50 12.85
CA LYS A 448 -2.58 22.98 13.53
C LYS A 448 -3.79 22.66 12.65
N LEU A 449 -4.66 21.83 13.21
CA LEU A 449 -5.87 21.33 12.58
C LEU A 449 -7.10 21.88 13.30
N LYS A 450 -8.21 22.04 12.58
CA LYS A 450 -9.45 22.46 13.22
C LYS A 450 -10.61 21.51 12.96
N PHE A 451 -11.43 21.30 13.98
CA PHE A 451 -12.78 20.75 13.79
C PHE A 451 -13.77 21.89 14.12
N ASN A 452 -14.18 22.62 13.08
CA ASN A 452 -14.85 23.91 13.22
C ASN A 452 -14.08 24.83 14.14
N SER A 453 -14.63 25.15 15.31
CA SER A 453 -13.97 26.08 16.22
C SER A 453 -12.92 25.43 17.11
N LEU A 454 -12.98 24.11 17.25
CA LEU A 454 -12.02 23.36 18.06
C LEU A 454 -10.67 23.28 17.33
N GLU A 455 -9.64 23.77 18.00
CA GLU A 455 -8.26 23.72 17.49
C GLU A 455 -7.49 22.56 18.11
N MET A 456 -6.82 21.81 17.25
CA MET A 456 -5.95 20.71 17.64
C MET A 456 -4.57 20.92 17.04
N ASN A 457 -3.57 21.07 17.90
CA ASN A 457 -2.17 21.14 17.50
C ASN A 457 -1.46 19.82 17.79
N VAL A 458 -0.67 19.34 16.83
CA VAL A 458 0.05 18.09 17.02
C VAL A 458 1.55 18.25 16.82
N GLU A 459 2.30 17.38 17.45
CA GLU A 459 3.73 17.32 17.26
C GLU A 459 4.13 15.85 17.13
N PHE A 460 4.68 15.50 15.96
CA PHE A 460 4.96 14.13 15.55
C PHE A 460 6.43 13.97 15.21
N GLU A 461 7.05 12.93 15.78
CA GLU A 461 8.35 12.46 15.31
C GLU A 461 8.15 11.78 13.94
N PRO A 462 9.25 11.48 13.22
CA PRO A 462 9.11 10.73 11.97
C PRO A 462 8.49 9.35 12.17
N HIS A 463 7.84 8.83 11.12
CA HIS A 463 7.25 7.49 11.14
C HIS A 463 6.18 7.39 12.23
N THR A 464 5.29 8.39 12.19
CA THR A 464 4.16 8.49 13.09
C THR A 464 2.98 8.99 12.27
N TYR A 465 1.88 8.24 12.31
CA TYR A 465 0.61 8.72 11.80
C TYR A 465 -0.49 8.67 12.85
N GLY A 466 -1.46 9.57 12.73
CA GLY A 466 -2.63 9.58 13.59
C GLY A 466 -3.92 9.83 12.83
N ILE A 467 -5.02 9.33 13.39
CA ILE A 467 -6.37 9.57 12.89
C ILE A 467 -7.16 10.14 14.05
N PHE A 468 -7.65 11.36 13.86
CA PHE A 468 -8.31 12.11 14.92
C PHE A 468 -9.73 12.37 14.47
N GLU A 469 -10.68 11.73 15.13
CA GLU A 469 -12.09 11.80 14.75
C GLU A 469 -12.90 12.56 15.78
N ARG A 470 -13.57 13.64 15.34
CA ARG A 470 -14.47 14.39 16.21
C ARG A 470 -15.75 13.59 16.40
N ILE A 471 -15.95 13.06 17.59
CA ILE A 471 -17.19 12.32 17.92
C ILE A 471 -18.09 13.17 18.82
N SER A 472 -19.36 12.75 18.96
CA SER A 472 -20.36 13.56 19.67
C SER A 472 -19.94 13.91 21.10
N ASN A 473 -19.26 13.00 21.78
CA ASN A 473 -18.77 13.30 23.14
C ASN A 473 -17.26 13.66 23.25
N GLY A 474 -16.58 13.86 22.13
CA GLY A 474 -15.19 14.31 22.19
C GLY A 474 -14.35 13.98 20.98
N LEU A 475 -13.31 13.19 21.18
CA LEU A 475 -12.35 12.92 20.13
C LEU A 475 -11.87 11.50 20.22
N LYS A 476 -12.02 10.75 19.12
CA LYS A 476 -11.39 9.44 19.01
C LYS A 476 -10.00 9.54 18.38
N VAL A 477 -9.03 8.87 19.01
CA VAL A 477 -7.64 8.96 18.59
C VAL A 477 -7.13 7.56 18.24
N ASN A 478 -6.62 7.43 17.01
CA ASN A 478 -5.82 6.28 16.62
C ASN A 478 -4.43 6.78 16.30
N LEU A 479 -3.42 6.24 16.97
CA LEU A 479 -2.05 6.69 16.76
C LEU A 479 -1.18 5.48 16.42
N ASN A 480 -0.23 5.66 15.50
CA ASN A 480 0.71 4.59 15.19
C ASN A 480 2.11 5.11 14.90
N ASN A 481 3.02 4.79 15.80
CA ASN A 481 4.42 5.15 15.63
C ASN A 481 5.36 3.95 15.80
N PHE A 482 4.85 2.75 15.53
CA PHE A 482 5.61 1.51 15.75
C PHE A 482 6.85 1.43 14.90
N ARG A 483 8.00 1.47 15.56
CA ARG A 483 9.28 1.38 14.89
C ARG A 483 10.29 0.67 15.77
N THR A 484 10.62 -0.57 15.41
CA THR A 484 11.63 -1.33 16.13
C THR A 484 13.04 -0.90 15.72
N ASN A 485 14.01 -1.32 16.51
CA ASN A 485 15.39 -0.93 16.32
C ASN A 485 16.08 -1.93 15.39
N LYS A 486 16.53 -1.45 14.23
CA LYS A 486 17.16 -2.30 13.25
C LYS A 486 18.69 -2.14 13.22
N ASP A 487 19.23 -1.40 14.19
CA ASP A 487 20.67 -1.08 14.21
C ASP A 487 21.60 -2.31 14.20
N SER A 488 21.16 -3.39 14.84
CA SER A 488 21.95 -4.61 14.92
C SER A 488 22.31 -5.16 13.54
N LEU A 489 21.48 -4.89 12.54
CA LEU A 489 21.72 -5.32 11.16
C LEU A 489 22.90 -4.58 10.55
N TRP A 490 23.14 -3.38 11.06
CA TRP A 490 24.21 -2.52 10.58
C TRP A 490 25.36 -2.41 11.59
N SER A 491 25.38 -3.30 12.59
CA SER A 491 26.52 -3.49 13.51
C SER A 491 27.79 -3.58 12.70
N ASN A 492 28.92 -3.13 13.26
CA ASN A 492 30.24 -3.29 12.65
C ASN A 492 30.52 -2.35 11.50
N ALA A 493 29.57 -1.46 11.23
CA ALA A 493 29.77 -0.44 10.22
C ALA A 493 29.49 0.94 10.83
N GLN A 494 30.51 1.78 10.87
CA GLN A 494 30.37 3.12 11.44
C GLN A 494 30.07 4.17 10.36
N ASP A 495 30.21 3.79 9.09
CA ASP A 495 29.89 4.68 7.97
C ASP A 495 29.40 3.94 6.71
N ALA A 496 28.95 4.69 5.71
CA ALA A 496 28.43 4.09 4.47
C ALA A 496 29.43 3.15 3.79
N ASN A 497 30.70 3.56 3.74
CA ASN A 497 31.77 2.76 3.13
C ASN A 497 31.89 1.36 3.77
N GLN A 498 31.88 1.30 5.11
CA GLN A 498 31.94 0.01 5.81
C GLN A 498 30.62 -0.78 5.67
N ALA A 499 29.50 -0.06 5.63
CA ALA A 499 28.20 -0.72 5.49
C ALA A 499 28.09 -1.45 4.16
N LYS A 500 28.44 -0.75 3.09
CA LYS A 500 28.47 -1.35 1.75
C LYS A 500 29.31 -2.63 1.73
N LYS A 501 30.36 -2.68 2.56
CA LYS A 501 31.30 -3.82 2.54
C LYS A 501 30.98 -4.94 3.54
N LEU A 502 29.86 -4.84 4.23
CA LEU A 502 29.46 -5.92 5.14
C LEU A 502 29.25 -7.23 4.38
N PRO A 503 29.44 -8.38 5.05
CA PRO A 503 29.07 -9.62 4.37
C PRO A 503 27.56 -9.63 4.08
N GLN A 504 27.17 -10.18 2.94
CA GLN A 504 25.76 -10.29 2.55
C GLN A 504 25.00 -11.05 3.63
N LEU A 505 23.83 -10.54 4.04
CA LEU A 505 22.97 -11.28 4.94
C LEU A 505 22.36 -12.50 4.21
N THR A 506 22.11 -12.30 2.91
CA THR A 506 21.47 -13.27 2.01
C THR A 506 20.00 -13.50 2.33
N LYS A 507 19.29 -14.06 1.35
CA LYS A 507 17.86 -14.35 1.48
C LYS A 507 17.58 -15.27 2.68
N LYS A 508 18.34 -16.35 2.77
CA LYS A 508 18.18 -17.32 3.86
C LYS A 508 18.59 -16.72 5.19
N GLY A 509 19.66 -15.94 5.19
CA GLY A 509 20.09 -15.26 6.41
C GLY A 509 19.06 -14.28 6.94
N ALA A 510 18.39 -13.57 6.03
CA ALA A 510 17.42 -12.58 6.46
C ALA A 510 16.17 -13.27 7.01
N ILE A 511 15.77 -14.37 6.38
CA ILE A 511 14.67 -15.20 6.89
C ILE A 511 14.98 -15.74 8.30
N LYS A 512 16.21 -16.20 8.51
CA LYS A 512 16.67 -16.68 9.81
C LYS A 512 16.72 -15.52 10.81
N TRP A 513 17.17 -14.34 10.35
CA TRP A 513 17.20 -13.16 11.22
C TRP A 513 15.81 -12.85 11.77
N ILE A 514 14.82 -12.87 10.88
CA ILE A 514 13.42 -12.68 11.27
C ILE A 514 13.03 -13.71 12.34
N GLU A 515 13.26 -15.00 12.06
CA GLU A 515 12.89 -16.03 13.03
C GLU A 515 13.54 -15.79 14.39
N GLU A 516 14.83 -15.49 14.39
CA GLU A 516 15.62 -15.44 15.63
C GLU A 516 15.64 -14.10 16.36
N HIS A 517 15.42 -13.00 15.63
CA HIS A 517 15.56 -11.66 16.19
C HIS A 517 14.37 -10.75 15.98
N TYR A 518 13.35 -11.22 15.27
CA TYR A 518 12.19 -10.38 15.02
C TYR A 518 10.90 -11.01 15.54
N ILE A 519 10.67 -12.27 15.19
CA ILE A 519 9.55 -13.02 15.75
C ILE A 519 9.74 -13.17 17.26
N LYS A 520 10.99 -13.35 17.69
CA LYS A 520 11.32 -13.42 19.12
C LYS A 520 12.55 -12.58 19.37
N ASP A 521 12.81 -12.31 20.65
CA ASP A 521 13.98 -11.55 21.08
C ASP A 521 14.08 -10.18 20.37
N THR A 522 12.90 -9.59 20.13
CA THR A 522 12.79 -8.37 19.34
C THR A 522 13.48 -7.22 20.04
N GLN A 523 14.26 -6.46 19.28
CA GLN A 523 14.81 -5.22 19.76
C GLN A 523 13.83 -4.09 19.48
N PHE A 524 12.89 -3.88 20.39
CA PHE A 524 11.90 -2.80 20.26
C PHE A 524 12.60 -1.44 20.28
N GLY A 525 12.05 -0.45 19.60
CA GLY A 525 12.63 0.90 19.62
C GLY A 525 12.27 1.59 20.93
N GLU A 526 12.82 2.77 21.15
CA GLU A 526 12.49 3.54 22.34
C GLU A 526 11.10 4.15 22.24
N LYS A 527 10.40 4.21 23.37
CA LYS A 527 9.19 4.99 23.48
C LYS A 527 9.55 6.41 23.09
N ARG A 528 8.66 7.08 22.34
CA ARG A 528 8.93 8.46 21.93
C ARG A 528 7.68 9.35 22.06
N VAL A 529 7.89 10.66 22.20
CA VAL A 529 6.83 11.59 22.60
C VAL A 529 5.99 12.10 21.40
N THR A 530 4.66 12.05 21.57
CA THR A 530 3.69 12.74 20.69
C THR A 530 2.94 13.72 21.56
N LYS A 531 2.72 14.92 21.05
CA LYS A 531 1.99 15.94 21.77
C LYS A 531 0.76 16.34 20.99
N ILE A 532 -0.38 16.38 21.70
CA ILE A 532 -1.64 16.89 21.16
C ILE A 532 -2.11 18.01 22.08
N VAL A 533 -2.48 19.14 21.50
CA VAL A 533 -3.00 20.27 22.25
C VAL A 533 -4.36 20.60 21.68
N LEU A 534 -5.37 20.62 22.57
CA LEU A 534 -6.72 21.04 22.21
C LEU A 534 -7.01 22.40 22.83
N ARG A 535 -7.57 23.29 22.03
CA ARG A 535 -7.95 24.64 22.46
C ARG A 535 -9.43 24.85 22.21
N GLY A 536 -10.10 25.43 23.19
CA GLY A 536 -11.54 25.62 23.14
C GLY A 536 -12.29 24.54 23.92
N ILE A 537 -11.70 24.09 25.03
CA ILE A 537 -12.24 23.02 25.88
C ILE A 537 -12.84 23.59 27.17
N ASP A 538 -13.97 23.06 27.62
CA ASP A 538 -14.61 23.55 28.84
C ASP A 538 -13.91 23.12 30.13
N LYS A 539 -13.74 21.82 30.28
CA LYS A 539 -13.19 21.22 31.50
C LYS A 539 -12.15 20.19 31.11
N LEU A 540 -11.31 19.82 32.07
CA LEU A 540 -10.34 18.75 31.91
C LEU A 540 -11.00 17.55 31.23
N PRO A 541 -10.49 17.16 30.04
CA PRO A 541 -11.09 16.00 29.37
C PRO A 541 -10.87 14.70 30.15
N THR A 542 -11.69 13.69 29.90
CA THR A 542 -11.44 12.37 30.45
C THR A 542 -11.06 11.39 29.34
N ILE A 543 -10.30 10.36 29.71
CA ILE A 543 -9.77 9.35 28.77
C ILE A 543 -10.52 8.02 28.92
N HIS A 544 -10.87 7.40 27.80
CA HIS A 544 -11.69 6.18 27.80
C HIS A 544 -11.15 5.20 26.77
N SER A 545 -11.40 3.91 27.02
CA SER A 545 -11.03 2.83 26.11
C SER A 545 -9.61 2.92 25.58
N LEU A 546 -8.67 3.14 26.50
CA LEU A 546 -7.24 3.18 26.16
C LEU A 546 -6.74 1.78 25.90
N SER A 547 -6.19 1.54 24.71
CA SER A 547 -5.45 0.28 24.44
C SER A 547 -4.35 0.49 23.42
N GLY A 548 -3.54 -0.55 23.23
CA GLY A 548 -2.48 -0.51 22.25
C GLY A 548 -1.50 -1.64 22.40
N THR A 549 -0.46 -1.62 21.57
CA THR A 549 0.56 -2.66 21.56
C THR A 549 0.98 -2.94 23.02
N ASN A 550 0.91 -4.19 23.44
N ASN A 550 0.94 -4.20 23.42
CA ASN A 550 1.29 -4.59 24.80
CA ASN A 550 1.38 -4.63 24.76
C ASN A 550 2.69 -4.05 25.19
C ASN A 550 2.71 -4.00 25.16
N ASN A 551 2.76 -3.46 26.37
CA ASN A 551 3.99 -2.83 26.93
C ASN A 551 4.64 -1.76 26.06
N SER A 552 3.85 -0.99 25.31
CA SER A 552 4.45 -0.07 24.34
C SER A 552 4.22 1.41 24.66
N TYR A 553 3.42 1.68 25.68
CA TYR A 553 3.07 3.05 26.00
C TYR A 553 2.94 3.30 27.52
N ASP A 554 3.28 4.53 27.91
CA ASP A 554 3.02 5.02 29.25
C ASP A 554 1.60 5.54 29.24
N GLN A 555 1.02 5.72 30.43
CA GLN A 555 -0.31 6.33 30.51
C GLN A 555 -0.23 7.76 29.94
N PRO A 556 -1.14 8.10 29.00
CA PRO A 556 -1.12 9.45 28.47
C PRO A 556 -1.28 10.48 29.59
N SER A 557 -0.63 11.62 29.43
CA SER A 557 -0.60 12.65 30.45
C SER A 557 -1.37 13.88 30.01
N LEU A 558 -2.40 14.22 30.77
CA LEU A 558 -3.29 15.33 30.48
C LEU A 558 -2.96 16.51 31.38
N ASN A 559 -2.73 17.67 30.77
CA ASN A 559 -2.48 18.89 31.51
C ASN A 559 -3.44 19.99 31.09
N PHE A 560 -4.49 20.18 31.89
CA PHE A 560 -5.52 21.16 31.61
C PHE A 560 -5.23 22.52 32.24
N ASP A 561 -5.37 23.55 31.41
CA ASP A 561 -5.19 24.93 31.81
C ASP A 561 -6.55 25.61 31.75
N GLN A 562 -7.20 25.76 32.91
CA GLN A 562 -8.52 26.40 33.01
C GLN A 562 -8.58 27.77 32.33
N LYS A 563 -7.63 28.64 32.69
CA LYS A 563 -7.59 30.03 32.23
C LYS A 563 -7.68 30.13 30.72
N ASN A 564 -6.93 29.28 30.02
CA ASN A 564 -6.83 29.30 28.57
C ASN A 564 -7.69 28.25 27.84
N HIS A 565 -8.58 27.59 28.58
CA HIS A 565 -9.51 26.60 28.02
C HIS A 565 -8.84 25.59 27.09
N MET A 566 -7.75 24.99 27.55
CA MET A 566 -6.95 24.12 26.71
C MET A 566 -6.36 22.94 27.49
N VAL A 567 -6.15 21.84 26.79
CA VAL A 567 -5.44 20.69 27.35
C VAL A 567 -4.21 20.31 26.51
N THR A 568 -3.14 19.93 27.18
CA THR A 568 -1.95 19.38 26.53
C THR A 568 -1.86 17.92 26.90
N ILE A 569 -1.87 17.08 25.88
CA ILE A 569 -1.80 15.64 26.04
C ILE A 569 -0.42 15.18 25.60
N THR A 570 0.32 14.57 26.52
CA THR A 570 1.65 14.06 26.19
C THR A 570 1.56 12.55 26.20
N ILE A 571 1.92 11.95 25.07
CA ILE A 571 1.99 10.50 24.95
C ILE A 571 3.45 10.09 24.75
N ASN A 572 3.85 9.03 25.45
CA ASN A 572 5.19 8.44 25.31
C ASN A 572 5.00 6.98 24.92
N SER A 573 5.35 6.64 23.67
CA SER A 573 4.95 5.37 23.10
C SER A 573 5.73 4.95 21.85
N ASN A 574 5.61 3.66 21.53
CA ASN A 574 6.18 3.09 20.32
C ASN A 574 5.33 1.87 19.96
N GLY A 575 4.33 2.06 19.10
CA GLY A 575 3.40 1.00 18.73
C GLY A 575 2.09 1.59 18.26
N ASN A 576 1.05 0.76 18.18
N ASN A 576 1.05 0.74 18.21
CA ASN A 576 -0.27 1.28 17.91
CA ASN A 576 -0.31 1.16 17.94
C ASN A 576 -0.97 1.63 19.21
C ASN A 576 -0.95 1.64 19.24
N LEU A 577 -1.85 2.62 19.14
CA LEU A 577 -2.49 3.18 20.32
C LEU A 577 -3.87 3.70 19.97
N GLU A 578 -4.77 3.61 20.93
CA GLU A 578 -6.16 4.00 20.72
C GLU A 578 -6.76 4.48 22.04
N PHE A 579 -7.51 5.57 21.98
CA PHE A 579 -8.29 6.05 23.12
C PHE A 579 -9.30 7.08 22.67
N GLU A 580 -10.22 7.41 23.58
CA GLU A 580 -11.16 8.49 23.38
C GLU A 580 -10.96 9.50 24.48
N LEU A 581 -11.06 10.77 24.11
CA LEU A 581 -11.12 11.86 25.06
C LEU A 581 -12.56 12.36 25.07
N HIS A 582 -13.13 12.47 26.26
CA HIS A 582 -14.47 13.04 26.37
C HIS A 582 -14.37 14.44 26.96
N PHE A 583 -15.09 15.38 26.35
CA PHE A 583 -15.04 16.80 26.73
C PHE A 583 -16.16 17.58 26.04
N LEU A 584 -16.37 18.81 26.48
CA LEU A 584 -17.31 19.70 25.79
C LEU A 584 -16.51 20.88 25.32
N GLU A 585 -16.97 21.56 24.28
CA GLU A 585 -16.31 22.79 23.85
C GLU A 585 -16.70 23.95 24.77
N HIS A 586 -15.76 24.88 24.97
CA HIS A 586 -15.97 26.04 25.85
C HIS A 586 -16.95 27.08 25.27
C1 NAG B . 14.95 -5.92 -11.61
C2 NAG B . 14.97 -7.37 -11.12
C3 NAG B . 13.61 -7.68 -10.48
C4 NAG B . 13.30 -6.71 -9.35
C5 NAG B . 13.38 -5.28 -9.93
C6 NAG B . 13.12 -4.18 -8.90
C7 NAG B . 16.43 -8.92 -12.31
C8 NAG B . 16.65 -9.88 -13.46
N2 NAG B . 15.25 -8.29 -12.21
O1 NAG B . 16.18 -5.52 -12.16
O3 NAG B . 13.56 -8.99 -10.03
O4 NAG B . 12.01 -6.96 -8.80
O5 NAG B . 14.67 -5.10 -10.49
O6 NAG B . 12.70 -3.03 -9.60
O7 NAG B . 17.33 -8.76 -11.50
C1 GAL B . 12.00 -7.01 -7.36
C2 GAL B . 11.99 -8.48 -6.94
C3 GAL B . 12.58 -8.71 -5.58
C4 GAL B . 13.85 -7.91 -5.32
C5 GAL B . 13.51 -6.44 -5.52
C6 GAL B . 14.71 -5.52 -5.32
O2 GAL B . 10.64 -8.89 -6.88
O3 GAL B . 12.91 -10.07 -5.52
O4 GAL B . 14.89 -8.42 -6.14
O5 GAL B . 13.07 -6.25 -6.84
O6 GAL B . 14.22 -4.19 -5.31
C1 FUC B . 10.43 -10.25 -7.35
C2 FUC B . 9.01 -10.68 -7.00
C3 FUC B . 8.03 -9.86 -7.83
C4 FUC B . 8.36 -9.98 -9.31
C5 FUC B . 9.82 -9.64 -9.59
C6 FUC B . 10.25 -9.92 -11.02
O2 FUC B . 8.77 -10.48 -5.63
O3 FUC B . 6.71 -10.26 -7.55
O4 FUC B . 8.05 -11.30 -9.72
O5 FUC B . 10.66 -10.41 -8.75
O5 A2G C . 12.49 -10.56 -3.13
C1 A2G C . 13.65 -10.83 -3.96
C2 A2G C . 13.92 -12.27 -4.41
N2 A2G C . 14.82 -12.26 -5.57
C3 A2G C . 12.62 -13.03 -4.71
O3 A2G C . 13.00 -14.39 -4.81
C4 A2G C . 11.60 -12.86 -3.58
O4 A2G C . 12.11 -13.39 -2.35
C5 A2G C . 11.29 -11.36 -3.39
C6 A2G C . 10.31 -11.13 -2.24
O6 A2G C . 10.14 -9.72 -2.03
C7 A2G C . 16.14 -12.31 -5.36
O7 A2G C . 16.62 -12.37 -4.21
C8 A2G C . 17.07 -12.31 -6.59
C1 EDO D . 14.57 -0.97 -11.44
O1 EDO D . 14.98 -1.68 -10.27
C2 EDO D . 15.75 -0.26 -12.11
O2 EDO D . 16.25 0.78 -11.27
C1 EDO E . 7.52 10.89 -5.74
O1 EDO E . 7.02 10.15 -6.88
C2 EDO E . 8.07 12.24 -6.18
O2 EDO E . 7.01 13.04 -6.68
#